data_5IUM
#
_entry.id   5IUM
#
_cell.length_a   94.443
_cell.length_b   94.443
_cell.length_c   161.848
_cell.angle_alpha   90.000
_cell.angle_beta   90.000
_cell.angle_gamma   120.000
#
_symmetry.space_group_name_H-M   'P 31 2 1'
#
loop_
_entity.id
_entity.type
_entity.pdbx_description
1 polymer 'Sensor histidine kinase DesK'
2 non-polymer 'PHOSPHOMETHYLPHOSPHONIC ACID ADENYLATE ESTER'
3 non-polymer 'MAGNESIUM ION'
4 non-polymer GLYCEROL
5 water water
#
_entity_poly.entity_id   1
_entity_poly.type   'polypeptide(L)'
_entity_poly.pdbx_seq_one_letter_code
;GRKERERLEEKLEDANERIAELVKLEERQRIARDL(NEP)DTLGQKLSLIGLKSDLARKLIYKDPEQAARELKSVQQTAR
TSLNEVRKIVSSMKGIRLKDELINIKQILEAADIMFIYEEEKWPENISLLNENILSMCLKEAVTNVVKHSQAKTCRVDIQ
QLWKEVVITVSDDGTFKGEENSFSKGHGLLGMRERLEFANGSLHIDTENGTKLTMAIPNNSK
;
_entity_poly.pdbx_strand_id   A,B
#
loop_
_chem_comp.id
_chem_comp.type
_chem_comp.name
_chem_comp.formula
ACP non-polymer 'PHOSPHOMETHYLPHOSPHONIC ACID ADENYLATE ESTER' 'C11 H18 N5 O12 P3'
GOL non-polymer GLYCEROL 'C3 H8 O3'
MG non-polymer 'MAGNESIUM ION' 'Mg 2'
#
# COMPACT_ATOMS: atom_id res chain seq x y z
N ARG A 2 -31.27 15.12 25.01
CA ARG A 2 -32.63 14.58 25.16
C ARG A 2 -33.11 14.05 23.80
N LYS A 3 -33.16 14.97 22.83
CA LYS A 3 -33.55 14.75 21.46
C LYS A 3 -32.61 15.56 20.57
N GLU A 4 -31.56 16.14 21.17
CA GLU A 4 -30.50 16.85 20.47
C GLU A 4 -29.38 15.85 20.46
N ARG A 5 -29.47 14.89 21.41
CA ARG A 5 -28.58 13.75 21.55
C ARG A 5 -28.46 13.13 20.15
N GLU A 6 -29.53 13.31 19.34
CA GLU A 6 -29.61 12.86 17.96
C GLU A 6 -28.71 13.68 17.07
N ARG A 7 -29.03 14.99 16.86
CA ARG A 7 -28.27 15.92 16.00
C ARG A 7 -26.78 15.66 16.18
N LEU A 8 -26.40 15.49 17.46
CA LEU A 8 -25.04 15.23 17.86
C LEU A 8 -24.52 13.90 17.43
N GLU A 9 -25.23 12.80 17.75
CA GLU A 9 -24.75 11.47 17.33
C GLU A 9 -24.54 11.40 15.84
N GLU A 10 -25.27 12.22 15.08
CA GLU A 10 -25.19 12.24 13.63
C GLU A 10 -24.09 13.09 13.10
N LYS A 11 -23.71 14.14 13.84
CA LYS A 11 -22.60 14.97 13.39
C LYS A 11 -21.38 14.09 13.63
N LEU A 12 -21.45 13.27 14.68
CA LEU A 12 -20.40 12.34 15.05
C LEU A 12 -20.26 11.28 14.01
N GLU A 13 -21.40 10.78 13.53
CA GLU A 13 -21.41 9.75 12.50
C GLU A 13 -20.77 10.32 11.24
N ASP A 14 -21.22 11.53 10.83
CA ASP A 14 -20.71 12.23 9.66
C ASP A 14 -19.19 12.43 9.70
N ALA A 15 -18.66 12.96 10.80
CA ALA A 15 -17.23 13.22 10.86
C ALA A 15 -16.46 11.93 10.83
N ASN A 16 -16.94 10.92 11.55
CA ASN A 16 -16.28 9.62 11.49
C ASN A 16 -16.20 9.12 10.08
N GLU A 17 -17.25 9.32 9.30
CA GLU A 17 -17.28 8.83 7.95
C GLU A 17 -16.27 9.59 7.14
N ARG A 18 -16.16 10.88 7.35
CA ARG A 18 -15.25 11.67 6.52
C ARG A 18 -13.81 11.31 6.76
N ILE A 19 -13.45 11.21 8.03
CA ILE A 19 -12.11 10.84 8.46
C ILE A 19 -11.87 9.52 7.79
N ALA A 20 -12.90 8.66 7.90
CA ALA A 20 -12.91 7.36 7.29
C ALA A 20 -12.44 7.42 5.82
N GLU A 21 -13.18 8.11 4.90
CA GLU A 21 -12.82 8.16 3.47
C GLU A 21 -11.46 8.73 3.19
N LEU A 22 -10.96 9.62 4.04
CA LEU A 22 -9.60 10.08 3.81
C LEU A 22 -8.61 8.94 4.08
N VAL A 23 -8.71 8.26 5.25
CA VAL A 23 -7.76 7.17 5.53
C VAL A 23 -7.83 6.07 4.44
N LYS A 24 -9.05 5.74 4.08
CA LYS A 24 -9.40 4.77 3.07
C LYS A 24 -8.66 5.13 1.77
N LEU A 25 -8.82 6.38 1.31
CA LEU A 25 -8.16 6.82 0.07
C LEU A 25 -6.68 6.77 0.16
N GLU A 26 -6.12 7.11 1.32
CA GLU A 26 -4.68 7.11 1.51
C GLU A 26 -4.16 5.74 1.22
N GLU A 27 -4.87 4.73 1.70
CA GLU A 27 -4.46 3.34 1.58
C GLU A 27 -4.55 2.85 0.13
N ARG A 28 -5.67 3.17 -0.50
CA ARG A 28 -5.96 2.83 -1.88
C ARG A 28 -4.82 3.36 -2.81
N GLN A 29 -4.41 4.59 -2.61
CA GLN A 29 -3.32 5.17 -3.34
C GLN A 29 -2.00 4.47 -3.05
N ARG A 30 -1.69 4.18 -1.81
CA ARG A 30 -0.43 3.52 -1.48
C ARG A 30 -0.31 2.21 -2.25
N ILE A 31 -1.43 1.49 -2.32
CA ILE A 31 -1.52 0.21 -3.00
C ILE A 31 -1.38 0.41 -4.49
N ALA A 32 -1.97 1.49 -5.00
CA ALA A 32 -1.91 1.77 -6.42
C ALA A 32 -0.46 2.03 -6.85
N ARG A 33 0.32 2.66 -5.99
CA ARG A 33 1.73 2.88 -6.28
C ARG A 33 2.44 1.57 -6.27
N ASP A 34 2.21 0.70 -5.29
CA ASP A 34 2.90 -0.60 -5.28
C ASP A 34 2.64 -1.41 -6.53
N LEU A 35 1.40 -1.35 -7.01
CA LEU A 35 0.99 -2.12 -8.16
C LEU A 35 1.62 -1.61 -9.45
N NEP A 36 1.56 -0.32 -9.66
CA NEP A 36 2.23 0.27 -10.78
C NEP A 36 3.71 -0.13 -10.70
O NEP A 36 4.26 -0.56 -11.70
CB NEP A 36 2.08 1.76 -10.64
CG NEP A 36 2.80 2.42 -11.76
ND1 NEP A 36 3.99 3.04 -11.62
CD2 NEP A 36 2.40 2.46 -13.09
CE1 NEP A 36 4.38 3.49 -12.83
NE2 NEP A 36 3.42 3.07 -13.67
P NEP A 36 3.47 3.46 -15.37
O1P NEP A 36 4.96 3.48 -15.69
O2P NEP A 36 2.78 4.82 -15.40
O3P NEP A 36 2.72 2.33 -16.06
N ASP A 37 4.30 -0.08 -9.53
CA ASP A 37 5.71 -0.39 -9.37
C ASP A 37 6.05 -1.84 -9.67
N THR A 38 5.08 -2.74 -9.62
CA THR A 38 5.49 -4.09 -9.97
C THR A 38 4.95 -4.41 -11.35
N LEU A 39 3.66 -4.66 -11.43
CA LEU A 39 2.97 -4.95 -12.67
C LEU A 39 3.16 -3.95 -13.83
N GLY A 40 3.40 -2.66 -13.58
CA GLY A 40 3.49 -1.65 -14.63
C GLY A 40 4.24 -2.01 -15.92
N GLN A 41 5.58 -2.10 -15.81
CA GLN A 41 6.49 -2.47 -16.87
C GLN A 41 6.08 -3.81 -17.43
N LYS A 42 5.83 -4.85 -16.61
CA LYS A 42 5.42 -6.14 -17.15
C LYS A 42 4.20 -6.00 -18.06
N LEU A 43 3.13 -5.32 -17.63
CA LEU A 43 1.95 -5.16 -18.52
C LEU A 43 2.27 -4.44 -19.81
N SER A 44 3.05 -3.36 -19.74
CA SER A 44 3.43 -2.67 -20.95
C SER A 44 4.19 -3.58 -21.89
N LEU A 45 5.09 -4.39 -21.35
CA LEU A 45 5.91 -5.31 -22.10
C LEU A 45 5.06 -6.30 -22.83
N ILE A 46 4.07 -6.85 -22.12
CA ILE A 46 3.13 -7.81 -22.67
C ILE A 46 2.47 -7.19 -23.86
N GLY A 47 1.96 -5.97 -23.70
CA GLY A 47 1.30 -5.28 -24.79
C GLY A 47 2.20 -5.16 -26.01
N LEU A 48 3.45 -4.74 -25.76
CA LEU A 48 4.42 -4.49 -26.81
C LEU A 48 4.71 -5.72 -27.58
N LYS A 49 5.10 -6.77 -26.88
CA LYS A 49 5.42 -8.06 -27.46
C LYS A 49 4.25 -8.64 -28.16
N SER A 50 3.06 -8.60 -27.60
CA SER A 50 1.92 -9.17 -28.31
C SER A 50 1.65 -8.40 -29.61
N ASP A 51 1.90 -7.07 -29.62
CA ASP A 51 1.75 -6.25 -30.83
C ASP A 51 2.80 -6.62 -31.87
N LEU A 52 4.09 -6.68 -31.47
CA LEU A 52 5.22 -7.06 -32.30
C LEU A 52 4.97 -8.43 -32.89
N ALA A 53 4.57 -9.40 -32.04
CA ALA A 53 4.28 -10.75 -32.46
C ALA A 53 3.21 -10.74 -33.55
N ARG A 54 2.13 -9.95 -33.35
CA ARG A 54 1.08 -9.89 -34.34
C ARG A 54 1.68 -9.45 -35.65
N LYS A 55 2.53 -8.43 -35.61
CA LYS A 55 3.25 -7.89 -36.77
C LYS A 55 4.04 -8.94 -37.48
N LEU A 56 4.67 -9.87 -36.74
CA LEU A 56 5.51 -10.89 -37.34
C LEU A 56 4.78 -12.19 -37.74
N ILE A 57 3.44 -12.35 -37.54
CA ILE A 57 2.75 -13.61 -37.87
C ILE A 57 3.18 -14.17 -39.25
N TYR A 58 3.06 -13.35 -40.28
CA TYR A 58 3.45 -13.68 -41.64
C TYR A 58 4.94 -13.50 -41.91
N LYS A 59 5.50 -12.30 -41.58
CA LYS A 59 6.90 -11.94 -41.83
C LYS A 59 7.93 -12.91 -41.21
N ASP A 60 7.78 -13.22 -39.93
CA ASP A 60 8.67 -14.11 -39.22
C ASP A 60 7.90 -14.91 -38.18
N PRO A 61 7.15 -15.94 -38.64
CA PRO A 61 6.42 -16.82 -37.70
C PRO A 61 7.21 -17.30 -36.50
N GLU A 62 8.50 -17.69 -36.68
CA GLU A 62 9.34 -18.17 -35.58
C GLU A 62 9.59 -17.09 -34.56
N GLN A 63 9.90 -15.85 -35.03
CA GLN A 63 10.11 -14.74 -34.12
C GLN A 63 8.83 -14.40 -33.39
N ALA A 64 7.68 -14.58 -34.05
CA ALA A 64 6.43 -14.29 -33.36
C ALA A 64 6.20 -15.29 -32.27
N ALA A 65 6.37 -16.58 -32.56
CA ALA A 65 6.19 -17.60 -31.53
C ALA A 65 7.13 -17.32 -30.35
N ARG A 66 8.38 -16.92 -30.64
CA ARG A 66 9.36 -16.62 -29.60
C ARG A 66 8.81 -15.54 -28.68
N GLU A 67 8.34 -14.44 -29.29
CA GLU A 67 7.69 -13.35 -28.59
C GLU A 67 6.50 -13.81 -27.73
N LEU A 68 5.62 -14.67 -28.25
CA LEU A 68 4.46 -15.16 -27.49
C LEU A 68 4.88 -16.02 -26.35
N LYS A 69 6.05 -16.68 -26.47
CA LYS A 69 6.51 -17.44 -25.33
C LYS A 69 6.88 -16.45 -24.24
N SER A 70 7.56 -15.36 -24.60
CA SER A 70 7.95 -14.33 -23.68
C SER A 70 6.72 -13.75 -22.96
N VAL A 71 5.65 -13.47 -23.74
CA VAL A 71 4.38 -12.92 -23.24
C VAL A 71 3.81 -13.87 -22.22
N GLN A 72 3.79 -15.15 -22.55
CA GLN A 72 3.26 -16.17 -21.66
C GLN A 72 3.97 -16.18 -20.35
N GLN A 73 5.30 -16.15 -20.37
CA GLN A 73 6.07 -16.15 -19.13
C GLN A 73 5.75 -14.95 -18.29
N THR A 74 5.81 -13.74 -18.89
CA THR A 74 5.61 -12.54 -18.08
C THR A 74 4.17 -12.46 -17.57
N ALA A 75 3.17 -12.99 -18.29
CA ALA A 75 1.82 -13.00 -17.76
C ALA A 75 1.73 -13.96 -16.59
N ARG A 76 2.29 -15.16 -16.73
CA ARG A 76 2.34 -16.12 -15.64
C ARG A 76 2.88 -15.45 -14.37
N THR A 77 4.15 -15.02 -14.39
CA THR A 77 4.80 -14.41 -13.24
C THR A 77 4.04 -13.21 -12.71
N SER A 78 3.34 -12.47 -13.57
CA SER A 78 2.60 -11.31 -13.08
C SER A 78 1.42 -11.76 -12.27
N LEU A 79 0.72 -12.78 -12.79
CA LEU A 79 -0.38 -13.42 -12.10
C LEU A 79 0.11 -13.86 -10.73
N ASN A 80 1.34 -14.41 -10.62
CA ASN A 80 1.89 -14.80 -9.33
C ASN A 80 1.96 -13.60 -8.43
N GLU A 81 2.59 -12.50 -8.90
CA GLU A 81 2.71 -11.29 -8.07
C GLU A 81 1.36 -10.97 -7.41
N VAL A 82 0.31 -11.07 -8.21
CA VAL A 82 -1.05 -10.80 -7.78
C VAL A 82 -1.59 -11.80 -6.78
N ARG A 83 -1.44 -13.10 -7.02
CA ARG A 83 -1.92 -14.09 -6.06
C ARG A 83 -1.32 -13.80 -4.70
N LYS A 84 -0.01 -13.51 -4.69
CA LYS A 84 0.78 -13.27 -3.49
C LYS A 84 0.23 -12.10 -2.70
N ILE A 85 0.12 -10.99 -3.38
CA ILE A 85 -0.42 -9.74 -2.89
C ILE A 85 -1.79 -9.96 -2.27
N VAL A 86 -2.71 -10.64 -3.00
CA VAL A 86 -4.08 -10.87 -2.54
C VAL A 86 -4.06 -11.66 -1.25
N SER A 87 -3.22 -12.69 -1.22
CA SER A 87 -3.12 -13.54 -0.05
C SER A 87 -2.62 -12.74 1.12
N SER A 88 -1.59 -11.94 0.84
CA SER A 88 -0.95 -11.09 1.82
C SER A 88 -1.96 -10.08 2.40
N MET A 89 -2.72 -9.43 1.53
CA MET A 89 -3.73 -8.44 1.89
C MET A 89 -4.91 -9.03 2.63
N LYS A 90 -5.11 -10.35 2.52
CA LYS A 90 -6.22 -11.02 3.20
C LYS A 90 -5.95 -11.14 4.73
N GLY A 91 -6.70 -11.99 5.44
CA GLY A 91 -6.54 -12.17 6.88
C GLY A 91 -6.42 -13.61 7.35
N ILE A 92 -6.78 -13.88 8.65
CA ILE A 92 -6.76 -15.24 9.20
C ILE A 92 -8.18 -15.74 9.37
N ARG A 93 -8.43 -16.94 8.89
CA ARG A 93 -9.71 -17.59 9.07
C ARG A 93 -9.74 -18.08 10.52
N LEU A 94 -10.92 -17.95 11.15
CA LEU A 94 -11.11 -18.35 12.54
C LEU A 94 -10.86 -19.85 12.79
N LYS A 95 -11.20 -20.72 11.81
CA LYS A 95 -10.93 -22.15 11.92
C LYS A 95 -9.41 -22.39 11.95
N ASP A 96 -8.64 -21.55 11.23
CA ASP A 96 -7.17 -21.65 11.21
C ASP A 96 -6.57 -21.10 12.48
N GLU A 97 -7.14 -20.03 13.04
CA GLU A 97 -6.66 -19.49 14.30
C GLU A 97 -6.88 -20.50 15.44
N LEU A 98 -8.00 -21.25 15.38
CA LEU A 98 -8.33 -22.32 16.34
C LEU A 98 -7.17 -23.32 16.41
N ILE A 99 -6.63 -23.72 15.24
CA ILE A 99 -5.52 -24.64 15.13
C ILE A 99 -4.26 -24.04 15.75
N ASN A 100 -3.99 -22.73 15.49
CA ASN A 100 -2.83 -22.04 16.04
C ASN A 100 -2.86 -22.02 17.56
N ILE A 101 -4.04 -21.73 18.14
CA ILE A 101 -4.14 -21.65 19.60
C ILE A 101 -4.04 -23.03 20.27
N LYS A 102 -4.49 -24.11 19.60
CA LYS A 102 -4.33 -25.46 20.13
C LYS A 102 -2.83 -25.77 20.26
N GLN A 103 -2.04 -25.44 19.21
CA GLN A 103 -0.59 -25.65 19.18
C GLN A 103 0.11 -24.85 20.27
N ILE A 104 -0.27 -23.57 20.42
CA ILE A 104 0.31 -22.65 21.40
C ILE A 104 0.04 -23.08 22.83
N LEU A 105 -1.21 -23.48 23.12
CA LEU A 105 -1.60 -23.94 24.46
C LEU A 105 -0.93 -25.27 24.84
N GLU A 106 -0.85 -26.22 23.89
CA GLU A 106 -0.16 -27.50 24.09
C GLU A 106 1.32 -27.25 24.39
N ALA A 107 1.97 -26.35 23.60
CA ALA A 107 3.39 -26.01 23.78
C ALA A 107 3.65 -25.36 25.15
N ALA A 108 2.62 -24.70 25.71
CA ALA A 108 2.69 -24.05 27.03
C ALA A 108 2.24 -24.96 28.18
N ASP A 109 1.92 -26.25 27.90
CA ASP A 109 1.45 -27.21 28.91
C ASP A 109 0.14 -26.76 29.60
N ILE A 110 -0.76 -26.16 28.80
CA ILE A 110 -2.09 -25.73 29.22
C ILE A 110 -3.13 -26.57 28.47
N MET A 111 -4.01 -27.25 29.24
CA MET A 111 -5.11 -28.09 28.72
C MET A 111 -6.07 -27.19 27.94
N PHE A 112 -6.38 -27.57 26.71
CA PHE A 112 -7.28 -26.82 25.84
C PHE A 112 -8.61 -27.55 25.75
N ILE A 113 -9.68 -26.84 26.13
CA ILE A 113 -11.03 -27.39 26.13
C ILE A 113 -11.84 -26.62 25.12
N TYR A 114 -12.23 -27.30 24.05
CA TYR A 114 -13.03 -26.75 22.97
C TYR A 114 -13.87 -27.87 22.36
N GLU A 115 -15.15 -27.58 22.11
CA GLU A 115 -16.08 -28.48 21.45
C GLU A 115 -16.91 -27.64 20.49
N GLU A 116 -16.93 -27.95 19.18
CA GLU A 116 -17.71 -27.13 18.25
C GLU A 116 -19.20 -27.16 18.60
N GLU A 117 -19.77 -25.98 18.84
CA GLU A 117 -21.17 -25.80 19.20
C GLU A 117 -21.61 -24.49 18.66
N LYS A 118 -22.74 -24.48 17.94
CA LYS A 118 -23.33 -23.29 17.34
C LYS A 118 -22.32 -22.50 16.49
N TRP A 119 -21.52 -23.21 15.67
CA TRP A 119 -20.56 -22.51 14.80
C TRP A 119 -21.30 -21.50 13.90
N PRO A 120 -20.79 -20.25 13.82
CA PRO A 120 -21.45 -19.23 12.97
C PRO A 120 -21.77 -19.68 11.55
N GLU A 121 -23.04 -19.52 11.21
CA GLU A 121 -23.74 -19.86 9.98
C GLU A 121 -23.15 -19.14 8.75
N ASN A 122 -22.72 -17.88 8.95
CA ASN A 122 -22.09 -16.97 7.99
C ASN A 122 -21.66 -15.73 8.72
N ILE A 123 -20.38 -15.39 8.63
CA ILE A 123 -19.81 -14.20 9.26
C ILE A 123 -19.03 -13.50 8.17
N SER A 124 -19.01 -12.16 8.20
CA SER A 124 -18.29 -11.40 7.20
C SER A 124 -16.81 -11.71 7.37
N LEU A 125 -16.06 -11.62 6.27
CA LEU A 125 -14.62 -11.90 6.35
C LEU A 125 -13.95 -10.92 7.25
N LEU A 126 -14.40 -9.66 7.22
CA LEU A 126 -13.85 -8.65 8.13
C LEU A 126 -14.04 -9.03 9.61
N ASN A 127 -15.29 -9.33 10.01
CA ASN A 127 -15.60 -9.65 11.41
C ASN A 127 -14.93 -10.95 11.83
N GLU A 128 -14.78 -11.89 10.87
CA GLU A 128 -14.08 -13.13 11.14
C GLU A 128 -12.61 -12.85 11.45
N ASN A 129 -11.97 -11.96 10.65
CA ASN A 129 -10.58 -11.58 10.83
C ASN A 129 -10.36 -10.81 12.13
N ILE A 130 -11.34 -9.98 12.55
CA ILE A 130 -11.25 -9.25 13.82
C ILE A 130 -11.25 -10.24 15.00
N LEU A 131 -12.17 -11.22 14.95
CA LEU A 131 -12.27 -12.25 15.94
C LEU A 131 -11.02 -13.11 16.03
N SER A 132 -10.40 -13.45 14.89
CA SER A 132 -9.15 -14.23 14.83
C SER A 132 -8.05 -13.49 15.58
N MET A 133 -7.94 -12.19 15.35
CA MET A 133 -6.96 -11.31 15.97
C MET A 133 -7.16 -11.27 17.49
N CYS A 134 -8.42 -11.15 17.93
CA CYS A 134 -8.78 -11.11 19.36
C CYS A 134 -8.55 -12.44 20.00
N LEU A 135 -8.91 -13.53 19.32
CA LEU A 135 -8.70 -14.87 19.84
C LEU A 135 -7.22 -15.12 20.08
N LYS A 136 -6.37 -14.73 19.12
CA LYS A 136 -4.92 -14.87 19.23
C LYS A 136 -4.41 -14.15 20.47
N GLU A 137 -4.80 -12.88 20.63
CA GLU A 137 -4.36 -12.09 21.74
C GLU A 137 -4.83 -12.61 23.10
N ALA A 138 -6.11 -13.06 23.18
CA ALA A 138 -6.68 -13.61 24.42
C ALA A 138 -5.82 -14.79 24.88
N VAL A 139 -5.44 -15.67 23.95
CA VAL A 139 -4.63 -16.85 24.25
C VAL A 139 -3.18 -16.48 24.54
N THR A 140 -2.60 -15.48 23.83
CA THR A 140 -1.25 -14.97 24.12
C THR A 140 -1.23 -14.52 25.59
N ASN A 141 -2.29 -13.85 26.04
CA ASN A 141 -2.38 -13.37 27.42
C ASN A 141 -2.45 -14.52 28.42
N VAL A 142 -3.20 -15.57 28.09
CA VAL A 142 -3.30 -16.75 28.94
C VAL A 142 -1.88 -17.32 29.11
N VAL A 143 -1.19 -17.54 27.98
CA VAL A 143 0.14 -18.15 28.00
C VAL A 143 1.17 -17.31 28.77
N LYS A 144 1.20 -15.99 28.54
CA LYS A 144 2.17 -15.07 29.11
C LYS A 144 1.97 -14.76 30.58
N HIS A 145 0.70 -14.68 31.02
CA HIS A 145 0.41 -14.17 32.35
C HIS A 145 -0.33 -15.03 33.36
N SER A 146 -1.23 -15.89 32.90
CA SER A 146 -2.16 -16.57 33.80
C SER A 146 -1.60 -17.57 34.80
N GLN A 147 -0.62 -18.37 34.38
CA GLN A 147 -0.11 -19.55 35.09
C GLN A 147 -1.23 -20.61 35.18
N ALA A 148 -2.17 -20.59 34.21
CA ALA A 148 -3.29 -21.51 34.12
C ALA A 148 -2.81 -22.91 33.81
N LYS A 149 -3.62 -23.90 34.16
CA LYS A 149 -3.38 -25.30 33.80
C LYS A 149 -4.41 -25.72 32.73
N THR A 150 -5.52 -24.95 32.62
CA THR A 150 -6.64 -25.15 31.70
C THR A 150 -7.08 -23.83 31.02
N CYS A 151 -7.49 -23.92 29.75
CA CYS A 151 -8.03 -22.82 28.98
C CYS A 151 -9.23 -23.32 28.18
N ARG A 152 -10.39 -22.67 28.40
CA ARG A 152 -11.66 -23.00 27.75
C ARG A 152 -12.02 -21.95 26.70
N VAL A 153 -12.22 -22.43 25.47
CA VAL A 153 -12.63 -21.55 24.39
C VAL A 153 -14.00 -21.98 23.86
N ASP A 154 -14.93 -21.03 23.79
CA ASP A 154 -16.27 -21.24 23.23
C ASP A 154 -16.40 -20.24 22.10
N ILE A 155 -16.90 -20.69 20.96
CA ILE A 155 -17.15 -19.86 19.79
C ILE A 155 -18.56 -20.20 19.33
N GLN A 156 -19.51 -19.30 19.60
CA GLN A 156 -20.91 -19.57 19.32
C GLN A 156 -21.66 -18.43 18.68
N GLN A 157 -22.57 -18.75 17.78
CA GLN A 157 -23.49 -17.80 17.20
C GLN A 157 -24.65 -17.81 18.20
N LEU A 158 -24.92 -16.65 18.79
CA LEU A 158 -25.99 -16.47 19.76
C LEU A 158 -26.77 -15.20 19.38
N TRP A 159 -28.10 -15.33 19.10
CA TRP A 159 -28.98 -14.21 18.73
C TRP A 159 -28.33 -13.60 17.45
N LYS A 160 -28.01 -12.29 17.42
CA LYS A 160 -27.39 -11.72 16.23
C LYS A 160 -25.89 -11.39 16.41
N GLU A 161 -25.21 -12.18 17.23
CA GLU A 161 -23.80 -11.98 17.51
C GLU A 161 -23.04 -13.26 17.40
N VAL A 162 -21.74 -13.13 17.19
CA VAL A 162 -20.82 -14.23 17.35
C VAL A 162 -20.16 -13.88 18.67
N VAL A 163 -20.21 -14.80 19.63
CA VAL A 163 -19.62 -14.63 20.95
C VAL A 163 -18.45 -15.57 21.13
N ILE A 164 -17.29 -15.05 21.48
CA ILE A 164 -16.14 -15.88 21.81
C ILE A 164 -15.83 -15.68 23.28
N THR A 165 -15.69 -16.77 24.02
CA THR A 165 -15.26 -16.69 25.41
C THR A 165 -13.96 -17.43 25.54
N VAL A 166 -13.01 -16.82 26.24
CA VAL A 166 -11.72 -17.42 26.53
C VAL A 166 -11.59 -17.32 28.03
N SER A 167 -11.59 -18.47 28.70
CA SER A 167 -11.48 -18.52 30.14
C SER A 167 -10.29 -19.37 30.51
N ASP A 168 -9.67 -19.04 31.64
CA ASP A 168 -8.55 -19.79 32.16
C ASP A 168 -8.67 -19.86 33.67
N ASP A 169 -8.02 -20.87 34.25
CA ASP A 169 -8.03 -21.15 35.68
C ASP A 169 -6.78 -20.69 36.42
N GLY A 170 -6.10 -19.69 35.86
CA GLY A 170 -4.93 -19.10 36.49
C GLY A 170 -5.33 -17.96 37.41
N THR A 171 -4.45 -16.97 37.56
CA THR A 171 -4.74 -15.80 38.39
C THR A 171 -4.50 -14.53 37.61
N PHE A 172 -5.45 -13.60 37.72
CA PHE A 172 -5.34 -12.31 37.05
C PHE A 172 -4.29 -11.46 37.74
N LYS A 173 -3.40 -10.87 36.93
CA LYS A 173 -2.24 -10.11 37.39
C LYS A 173 -2.40 -8.57 37.31
N GLY A 174 -2.24 -7.92 38.46
CA GLY A 174 -2.28 -6.47 38.61
C GLY A 174 -3.65 -5.82 38.58
N GLU A 175 -3.65 -4.49 38.73
CA GLU A 175 -4.87 -3.66 38.70
C GLU A 175 -4.86 -2.73 37.48
N GLU A 176 -6.04 -2.17 37.17
CA GLU A 176 -6.25 -1.25 36.05
C GLU A 176 -5.18 -0.17 36.02
N HIS A 183 -1.14 -2.01 24.50
CA HIS A 183 -1.60 -3.22 25.15
C HIS A 183 -2.84 -3.82 24.49
N GLY A 184 -2.88 -5.14 24.55
CA GLY A 184 -3.88 -5.99 23.94
C GLY A 184 -5.30 -5.86 24.45
N LEU A 185 -5.50 -5.66 25.76
CA LEU A 185 -6.87 -5.54 26.27
C LEU A 185 -7.59 -4.31 25.69
N LEU A 186 -6.93 -3.17 25.69
CA LEU A 186 -7.49 -1.97 25.09
C LEU A 186 -7.55 -2.13 23.55
N GLY A 187 -6.52 -2.76 22.97
CA GLY A 187 -6.46 -3.06 21.55
C GLY A 187 -7.68 -3.84 21.10
N MET A 188 -7.95 -4.94 21.75
CA MET A 188 -9.11 -5.78 21.44
C MET A 188 -10.42 -5.04 21.63
N ARG A 189 -10.58 -4.32 22.75
CA ARG A 189 -11.82 -3.60 23.02
C ARG A 189 -12.07 -2.55 21.94
N GLU A 190 -11.04 -1.78 21.58
CA GLU A 190 -11.18 -0.75 20.54
C GLU A 190 -11.54 -1.37 19.19
N ARG A 191 -10.87 -2.49 18.81
CA ARG A 191 -11.14 -3.20 17.54
C ARG A 191 -12.57 -3.70 17.52
N LEU A 192 -13.02 -4.31 18.62
CA LEU A 192 -14.38 -4.84 18.71
C LEU A 192 -15.44 -3.78 18.70
N GLU A 193 -15.23 -2.71 19.47
CA GLU A 193 -16.18 -1.61 19.56
C GLU A 193 -16.32 -0.89 18.22
N PHE A 194 -15.24 -0.81 17.43
CA PHE A 194 -15.28 -0.21 16.09
C PHE A 194 -16.21 -1.03 15.20
N ALA A 195 -16.25 -2.34 15.45
CA ALA A 195 -17.12 -3.24 14.70
C ALA A 195 -18.51 -3.36 15.33
N ASN A 196 -18.86 -2.45 16.26
CA ASN A 196 -20.14 -2.41 16.99
C ASN A 196 -20.30 -3.64 17.88
N GLY A 197 -19.17 -4.17 18.31
CA GLY A 197 -19.06 -5.28 19.23
C GLY A 197 -18.67 -4.79 20.61
N SER A 198 -18.25 -5.73 21.46
CA SER A 198 -17.95 -5.49 22.86
C SER A 198 -16.92 -6.46 23.38
N LEU A 199 -16.24 -6.06 24.46
CA LEU A 199 -15.29 -6.90 25.18
C LEU A 199 -15.59 -6.68 26.64
N HIS A 200 -15.84 -7.79 27.36
CA HIS A 200 -16.01 -7.81 28.81
C HIS A 200 -15.00 -8.77 29.41
N ILE A 201 -14.54 -8.42 30.59
CA ILE A 201 -13.59 -9.22 31.32
C ILE A 201 -14.09 -9.47 32.78
N ASP A 202 -13.97 -10.74 33.21
CA ASP A 202 -14.29 -11.19 34.56
C ASP A 202 -13.00 -11.84 35.10
N THR A 203 -12.52 -11.31 36.22
CA THR A 203 -11.24 -11.73 36.81
C THR A 203 -11.40 -12.38 38.15
N GLU A 204 -12.61 -12.89 38.44
CA GLU A 204 -12.85 -13.56 39.69
C GLU A 204 -12.11 -14.93 39.74
N ASN A 205 -12.65 -15.96 39.07
CA ASN A 205 -12.04 -17.31 39.13
C ASN A 205 -11.09 -17.55 37.95
N GLY A 206 -9.95 -16.89 38.02
CA GLY A 206 -9.01 -16.84 36.92
C GLY A 206 -9.41 -15.63 36.11
N THR A 207 -9.36 -15.75 34.77
CA THR A 207 -9.68 -14.65 33.87
C THR A 207 -10.58 -15.16 32.77
N LYS A 208 -11.68 -14.46 32.52
CA LYS A 208 -12.58 -14.79 31.43
C LYS A 208 -12.91 -13.54 30.61
N LEU A 209 -12.61 -13.66 29.31
CA LEU A 209 -12.86 -12.64 28.30
C LEU A 209 -14.06 -13.05 27.47
N THR A 210 -15.03 -12.15 27.33
CA THR A 210 -16.20 -12.39 26.51
C THR A 210 -16.17 -11.32 25.43
N MET A 211 -16.02 -11.76 24.17
CA MET A 211 -15.93 -10.83 23.08
C MET A 211 -17.08 -11.15 22.16
N ALA A 212 -17.82 -10.12 21.72
CA ALA A 212 -18.95 -10.30 20.84
C ALA A 212 -18.82 -9.33 19.68
N ILE A 213 -19.32 -9.76 18.52
CA ILE A 213 -19.30 -8.97 17.32
C ILE A 213 -20.61 -9.26 16.60
N PRO A 214 -21.23 -8.27 15.95
CA PRO A 214 -22.45 -8.54 15.19
C PRO A 214 -22.23 -9.53 14.04
N ASN A 215 -23.32 -10.26 13.77
CA ASN A 215 -23.45 -11.23 12.69
C ASN A 215 -24.91 -11.64 12.43
N ASN A 216 -25.38 -11.46 11.17
CA ASN A 216 -26.74 -11.74 10.67
C ASN A 216 -27.78 -10.76 11.22
N GLU B 13 -2.88 9.58 21.34
CA GLU B 13 -2.68 9.64 19.89
C GLU B 13 -3.03 8.33 19.27
N ASP B 14 -2.58 7.24 19.89
CA ASP B 14 -2.85 5.91 19.36
C ASP B 14 -4.32 5.73 19.10
N ALA B 15 -5.20 6.19 20.03
CA ALA B 15 -6.64 6.07 19.89
C ALA B 15 -7.08 6.26 18.42
N ASN B 16 -6.68 7.40 17.78
CA ASN B 16 -6.92 7.65 16.36
C ASN B 16 -6.03 6.76 15.43
N GLU B 17 -4.72 6.61 15.76
CA GLU B 17 -3.82 5.72 15.01
C GLU B 17 -4.46 4.33 14.78
N ARG B 18 -4.62 3.52 15.83
CA ARG B 18 -5.13 2.16 15.70
C ARG B 18 -6.52 2.03 15.04
N ILE B 19 -7.42 3.04 15.15
CA ILE B 19 -8.72 2.99 14.47
C ILE B 19 -8.50 3.12 13.00
N ALA B 20 -7.61 4.04 12.61
CA ALA B 20 -7.32 4.26 11.20
C ALA B 20 -6.66 3.02 10.66
N GLU B 21 -5.87 2.31 11.47
CA GLU B 21 -5.31 1.05 11.02
C GLU B 21 -6.41 0.04 10.74
N LEU B 22 -7.47 0.07 11.55
CA LEU B 22 -8.60 -0.81 11.30
C LEU B 22 -9.29 -0.47 9.98
N VAL B 23 -9.51 0.83 9.68
CA VAL B 23 -10.12 1.20 8.39
C VAL B 23 -9.25 0.74 7.21
N LYS B 24 -7.92 1.02 7.26
CA LYS B 24 -7.01 0.56 6.23
C LYS B 24 -7.22 -0.92 5.99
N LEU B 25 -7.15 -1.74 7.07
CA LEU B 25 -7.31 -3.20 7.00
C LEU B 25 -8.53 -3.59 6.23
N GLU B 26 -9.67 -3.03 6.58
CA GLU B 26 -10.91 -3.27 5.90
C GLU B 26 -10.77 -2.95 4.43
N GLU B 27 -10.25 -1.74 4.14
CA GLU B 27 -10.01 -1.29 2.79
C GLU B 27 -9.16 -2.32 2.06
N ARG B 28 -8.03 -2.69 2.67
CA ARG B 28 -7.13 -3.72 2.22
C ARG B 28 -7.88 -5.01 1.88
N GLN B 29 -8.77 -5.49 2.73
CA GLN B 29 -9.54 -6.70 2.39
C GLN B 29 -10.42 -6.53 1.13
N ARG B 30 -10.97 -5.33 0.95
CA ARG B 30 -11.83 -5.00 -0.15
C ARG B 30 -11.05 -5.01 -1.45
N ILE B 31 -9.97 -4.23 -1.50
CA ILE B 31 -9.11 -4.22 -2.67
C ILE B 31 -8.76 -5.64 -3.01
N ALA B 32 -8.41 -6.47 -1.99
CA ALA B 32 -8.04 -7.87 -2.21
C ALA B 32 -9.05 -8.67 -3.02
N ARG B 33 -10.32 -8.59 -2.65
CA ARG B 33 -11.39 -9.21 -3.41
C ARG B 33 -11.39 -8.65 -4.85
N ASP B 34 -11.43 -7.31 -4.99
CA ASP B 34 -11.50 -6.65 -6.30
C ASP B 34 -10.41 -7.07 -7.22
N LEU B 35 -9.15 -7.04 -6.76
CA LEU B 35 -7.98 -7.48 -7.50
C LEU B 35 -8.26 -8.87 -8.02
N NEP B 36 -8.40 -9.84 -7.10
CA NEP B 36 -8.65 -11.23 -7.40
C NEP B 36 -9.54 -11.35 -8.64
O NEP B 36 -9.13 -11.93 -9.65
CB NEP B 36 -9.29 -11.87 -6.17
CG NEP B 36 -9.52 -13.35 -6.40
ND1 NEP B 36 -8.78 -14.37 -5.90
CD2 NEP B 36 -10.58 -13.90 -7.14
CE1 NEP B 36 -9.31 -15.55 -6.31
NE2 NEP B 36 -10.37 -15.22 -7.06
P NEP B 36 -11.41 -16.42 -7.84
O1P NEP B 36 -12.07 -17.15 -6.69
O2P NEP B 36 -12.35 -15.61 -8.71
O3P NEP B 36 -10.45 -17.28 -8.66
N ASP B 37 -10.75 -10.78 -8.56
CA ASP B 37 -11.71 -10.80 -9.64
C ASP B 37 -11.19 -10.17 -10.92
N THR B 38 -11.15 -8.83 -10.97
CA THR B 38 -10.78 -8.11 -12.18
C THR B 38 -9.39 -8.47 -12.75
N LEU B 39 -8.30 -7.93 -12.16
CA LEU B 39 -6.94 -8.09 -12.62
C LEU B 39 -6.45 -9.53 -12.68
N GLY B 40 -6.63 -10.29 -11.61
CA GLY B 40 -6.25 -11.70 -11.66
C GLY B 40 -6.89 -12.32 -12.87
N GLN B 41 -8.21 -12.10 -13.06
CA GLN B 41 -8.87 -12.70 -14.21
C GLN B 41 -8.28 -12.22 -15.53
N LYS B 42 -8.07 -10.92 -15.73
CA LYS B 42 -7.45 -10.37 -16.96
C LYS B 42 -6.09 -11.03 -17.25
N LEU B 43 -5.21 -11.20 -16.24
CA LEU B 43 -3.94 -11.89 -16.49
C LEU B 43 -4.13 -13.34 -16.94
N SER B 44 -5.06 -14.07 -16.33
CA SER B 44 -5.28 -15.43 -16.77
C SER B 44 -5.70 -15.46 -18.22
N LEU B 45 -6.58 -14.53 -18.61
CA LEU B 45 -7.12 -14.45 -19.95
C LEU B 45 -6.01 -14.22 -20.92
N ILE B 46 -5.13 -13.27 -20.60
CA ILE B 46 -3.98 -12.92 -21.40
C ILE B 46 -3.17 -14.16 -21.65
N GLY B 47 -2.84 -14.89 -20.59
CA GLY B 47 -2.09 -16.13 -20.71
C GLY B 47 -2.74 -17.10 -21.68
N LEU B 48 -4.06 -17.33 -21.51
CA LEU B 48 -4.81 -18.27 -22.30
C LEU B 48 -4.80 -17.95 -23.76
N LYS B 49 -5.19 -16.72 -24.07
CA LYS B 49 -5.26 -16.23 -25.42
C LYS B 49 -3.92 -16.19 -26.05
N SER B 50 -2.90 -15.71 -25.36
CA SER B 50 -1.58 -15.70 -25.98
C SER B 50 -1.10 -17.11 -26.33
N ASP B 51 -1.46 -18.11 -25.48
CA ASP B 51 -1.13 -19.51 -25.73
C ASP B 51 -1.89 -20.05 -26.94
N LEU B 52 -3.22 -19.83 -27.00
CA LEU B 52 -4.06 -20.24 -28.11
C LEU B 52 -3.55 -19.62 -29.40
N ALA B 53 -3.20 -18.33 -29.32
CA ALA B 53 -2.73 -17.53 -30.42
C ALA B 53 -1.45 -18.10 -30.97
N ARG B 54 -0.54 -18.53 -30.10
CA ARG B 54 0.70 -19.17 -30.51
C ARG B 54 0.34 -20.42 -31.29
N LYS B 55 -0.60 -21.21 -30.74
CA LYS B 55 -1.07 -22.45 -31.38
C LYS B 55 -1.58 -22.18 -32.79
N LEU B 56 -2.09 -20.97 -33.07
CA LEU B 56 -2.60 -20.72 -34.41
C LEU B 56 -1.65 -20.02 -35.40
N ILE B 57 -0.43 -19.66 -35.00
CA ILE B 57 0.45 -18.93 -35.93
C ILE B 57 0.40 -19.52 -37.34
N TYR B 58 0.68 -20.81 -37.42
CA TYR B 58 0.68 -21.48 -38.71
C TYR B 58 -0.71 -21.96 -39.16
N LYS B 59 -1.43 -22.72 -38.31
CA LYS B 59 -2.73 -23.32 -38.66
C LYS B 59 -3.84 -22.30 -39.04
N ASP B 60 -3.98 -21.18 -38.28
CA ASP B 60 -4.93 -20.12 -38.59
C ASP B 60 -4.40 -18.76 -38.13
N PRO B 61 -3.56 -18.16 -38.99
CA PRO B 61 -2.93 -16.88 -38.66
C PRO B 61 -3.91 -15.76 -38.44
N GLU B 62 -5.03 -15.72 -39.21
CA GLU B 62 -5.96 -14.64 -39.02
C GLU B 62 -6.49 -14.69 -37.58
N GLN B 63 -6.80 -15.90 -37.13
CA GLN B 63 -7.33 -16.04 -35.80
C GLN B 63 -6.31 -15.62 -34.82
N ALA B 64 -5.08 -16.08 -35.02
CA ALA B 64 -4.02 -15.75 -34.10
C ALA B 64 -3.89 -14.24 -33.98
N ALA B 65 -4.00 -13.51 -35.10
CA ALA B 65 -3.93 -12.05 -35.04
C ALA B 65 -5.04 -11.50 -34.20
N ARG B 66 -6.31 -11.89 -34.43
CA ARG B 66 -7.43 -11.41 -33.62
C ARG B 66 -7.18 -11.60 -32.12
N GLU B 67 -6.71 -12.82 -31.77
CA GLU B 67 -6.44 -13.15 -30.37
C GLU B 67 -5.46 -12.16 -29.80
N LEU B 68 -4.40 -11.90 -30.56
CA LEU B 68 -3.34 -10.97 -30.17
C LEU B 68 -3.83 -9.53 -30.06
N LYS B 69 -4.80 -9.09 -30.87
CA LYS B 69 -5.32 -7.73 -30.71
C LYS B 69 -6.07 -7.70 -29.40
N SER B 70 -6.76 -8.78 -29.10
CA SER B 70 -7.51 -8.81 -27.87
C SER B 70 -6.59 -8.72 -26.67
N VAL B 71 -5.55 -9.57 -26.61
CA VAL B 71 -4.54 -9.56 -25.55
C VAL B 71 -4.01 -8.15 -25.41
N GLN B 72 -3.69 -7.47 -26.51
CA GLN B 72 -3.26 -6.08 -26.42
C GLN B 72 -4.22 -5.20 -25.68
N GLN B 73 -5.53 -5.30 -26.02
CA GLN B 73 -6.51 -4.48 -25.36
C GLN B 73 -6.54 -4.75 -23.88
N THR B 74 -6.63 -6.03 -23.47
CA THR B 74 -6.77 -6.36 -22.06
C THR B 74 -5.53 -5.98 -21.28
N ALA B 75 -4.33 -6.04 -21.90
CA ALA B 75 -3.14 -5.59 -21.18
C ALA B 75 -3.15 -4.08 -21.00
N ARG B 76 -3.54 -3.34 -22.04
CA ARG B 76 -3.57 -1.88 -21.94
C ARG B 76 -4.53 -1.41 -20.82
N THR B 77 -5.78 -1.88 -20.86
CA THR B 77 -6.76 -1.49 -19.87
C THR B 77 -6.41 -2.00 -18.50
N SER B 78 -5.72 -3.14 -18.44
CA SER B 78 -5.51 -3.84 -17.21
C SER B 78 -5.16 -2.91 -16.01
N LEU B 79 -4.20 -1.99 -16.15
CA LEU B 79 -3.93 -1.12 -15.00
C LEU B 79 -4.54 0.26 -15.03
N ASN B 80 -5.57 0.50 -15.83
CA ASN B 80 -6.10 1.85 -16.06
C ASN B 80 -6.33 2.65 -14.80
N GLU B 81 -7.06 2.01 -13.90
CA GLU B 81 -7.53 2.48 -12.59
C GLU B 81 -6.37 2.84 -11.75
N VAL B 82 -5.48 1.86 -11.57
CA VAL B 82 -4.29 2.08 -10.80
C VAL B 82 -3.61 3.27 -11.37
N ARG B 83 -3.45 3.26 -12.70
CA ARG B 83 -2.78 4.34 -13.40
C ARG B 83 -3.42 5.66 -13.10
N LYS B 84 -4.74 5.65 -12.96
CA LYS B 84 -5.50 6.88 -12.74
C LYS B 84 -5.25 7.43 -11.32
N ILE B 85 -5.36 6.56 -10.36
CA ILE B 85 -5.14 6.87 -8.95
C ILE B 85 -3.74 7.44 -8.73
N VAL B 86 -2.77 7.01 -9.53
CA VAL B 86 -1.41 7.45 -9.35
C VAL B 86 -1.18 8.68 -10.15
N SER B 87 -1.96 8.86 -11.24
CA SER B 87 -1.88 10.00 -12.20
C SER B 87 -2.20 11.33 -11.55
N SER B 88 -3.20 11.31 -10.65
CA SER B 88 -3.74 12.45 -9.92
C SER B 88 -3.12 12.52 -8.53
N MET B 89 -1.93 11.98 -8.34
CA MET B 89 -1.37 12.03 -7.00
C MET B 89 -0.28 13.05 -7.01
N LYS B 90 -0.36 13.93 -6.01
CA LYS B 90 0.57 15.04 -5.85
C LYS B 90 1.62 14.69 -4.83
N GLY B 91 2.86 15.02 -5.15
CA GLY B 91 3.98 14.85 -4.24
C GLY B 91 4.98 13.86 -4.72
N ILE B 92 4.49 12.87 -5.51
CA ILE B 92 5.23 11.72 -6.09
C ILE B 92 6.48 12.05 -6.89
N ARG B 93 6.38 12.82 -8.04
CA ARG B 93 7.52 13.13 -8.90
C ARG B 93 8.70 13.60 -8.07
N LEU B 94 8.49 14.64 -7.26
CA LEU B 94 9.53 15.14 -6.37
C LEU B 94 9.93 14.09 -5.32
N LYS B 95 8.97 13.27 -4.80
CA LYS B 95 9.31 12.23 -3.84
C LYS B 95 10.24 11.17 -4.51
N ASP B 96 10.04 10.91 -5.80
CA ASP B 96 10.88 9.97 -6.54
C ASP B 96 12.23 10.57 -6.86
N GLU B 97 12.30 11.89 -7.15
CA GLU B 97 13.56 12.55 -7.41
C GLU B 97 14.42 12.54 -6.14
N LEU B 98 13.77 12.66 -4.96
CA LEU B 98 14.41 12.62 -3.65
C LEU B 98 15.21 11.31 -3.52
N ILE B 99 14.57 10.19 -3.92
CA ILE B 99 15.19 8.86 -3.88
C ILE B 99 16.38 8.80 -4.85
N ASN B 100 16.24 9.37 -6.07
CA ASN B 100 17.32 9.39 -7.05
C ASN B 100 18.54 10.14 -6.53
N ILE B 101 18.32 11.30 -5.89
CA ILE B 101 19.44 12.08 -5.39
C ILE B 101 20.12 11.42 -4.17
N LYS B 102 19.38 10.66 -3.34
CA LYS B 102 19.98 9.91 -2.24
C LYS B 102 20.98 8.87 -2.82
N GLN B 103 20.55 8.15 -3.87
CA GLN B 103 21.37 7.13 -4.56
C GLN B 103 22.62 7.76 -5.18
N ILE B 104 22.46 8.91 -5.86
CA ILE B 104 23.54 9.62 -6.54
C ILE B 104 24.57 10.15 -5.56
N LEU B 105 24.10 10.76 -4.45
CA LEU B 105 24.99 11.30 -3.40
C LEU B 105 25.76 10.19 -2.69
N GLU B 106 25.09 9.06 -2.35
CA GLU B 106 25.73 7.90 -1.73
C GLU B 106 26.82 7.34 -2.65
N ALA B 107 26.50 7.20 -3.96
CA ALA B 107 27.46 6.70 -4.98
C ALA B 107 28.67 7.62 -5.12
N ALA B 108 28.52 8.92 -4.81
CA ALA B 108 29.57 9.92 -4.87
C ALA B 108 30.30 10.10 -3.53
N ILE B 110 29.13 11.33 -0.71
CA ILE B 110 28.65 12.56 -0.09
C ILE B 110 27.48 12.28 0.86
N MET B 111 27.63 12.67 2.15
CA MET B 111 26.61 12.51 3.20
C MET B 111 25.39 13.33 2.82
N PHE B 112 24.21 12.71 2.83
CA PHE B 112 22.96 13.36 2.48
C PHE B 112 22.13 13.62 3.74
N ILE B 113 21.80 14.90 3.95
CA ILE B 113 21.03 15.33 5.11
C ILE B 113 19.70 15.88 4.64
N TYR B 114 18.63 15.16 4.97
CA TYR B 114 17.27 15.52 4.63
C TYR B 114 16.33 14.98 5.70
N GLU B 115 15.36 15.80 6.12
CA GLU B 115 14.30 15.44 7.06
C GLU B 115 13.01 16.01 6.56
N GLU B 116 12.02 15.13 6.33
CA GLU B 116 10.70 15.43 5.78
C GLU B 116 10.03 16.66 6.39
N GLU B 117 9.71 17.63 5.53
CA GLU B 117 9.09 18.89 5.89
C GLU B 117 8.00 19.23 4.90
N GLU B 121 3.21 18.05 -0.86
CA GLU B 121 1.90 17.84 -0.23
C GLU B 121 0.83 18.55 -1.07
N ASN B 122 1.04 19.83 -1.41
CA ASN B 122 0.19 20.52 -2.37
C ASN B 122 1.01 21.58 -3.17
N ILE B 123 0.91 21.51 -4.52
CA ILE B 123 1.62 22.23 -5.54
C ILE B 123 0.67 22.03 -6.76
N SER B 124 1.23 21.96 -8.02
CA SER B 124 0.68 21.61 -9.35
C SER B 124 1.67 20.60 -9.93
N LEU B 125 1.19 19.70 -10.79
CA LEU B 125 2.09 18.70 -11.36
C LEU B 125 3.16 19.36 -12.18
N LEU B 126 2.81 20.43 -12.90
CA LEU B 126 3.81 21.18 -13.65
C LEU B 126 4.94 21.72 -12.76
N ASN B 127 4.59 22.47 -11.70
CA ASN B 127 5.57 23.07 -10.82
C ASN B 127 6.36 22.02 -10.06
N GLU B 128 5.71 20.87 -9.76
CA GLU B 128 6.40 19.78 -9.10
C GLU B 128 7.48 19.21 -10.04
N ASN B 129 7.14 19.05 -11.33
CA ASN B 129 8.07 18.54 -12.34
C ASN B 129 9.21 19.51 -12.59
N ILE B 130 8.95 20.84 -12.54
CA ILE B 130 10.01 21.85 -12.70
C ILE B 130 11.01 21.73 -11.54
N LEU B 131 10.49 21.63 -10.32
CA LEU B 131 11.30 21.48 -9.12
C LEU B 131 12.13 20.20 -9.14
N SER B 132 11.57 19.06 -9.62
CA SER B 132 12.28 17.80 -9.75
C SER B 132 13.49 17.97 -10.66
N MET B 133 13.30 18.66 -11.79
CA MET B 133 14.32 18.94 -12.78
C MET B 133 15.43 19.80 -12.18
N CYS B 134 15.05 20.83 -11.40
CA CYS B 134 16.00 21.73 -10.74
C CYS B 134 16.73 21.01 -9.64
N LEU B 135 16.03 20.19 -8.86
CA LEU B 135 16.65 19.42 -7.77
C LEU B 135 17.71 18.48 -8.36
N LYS B 136 17.39 17.78 -9.46
CA LYS B 136 18.31 16.89 -10.13
C LYS B 136 19.58 17.64 -10.53
N GLU B 137 19.41 18.78 -11.20
CA GLU B 137 20.53 19.59 -11.65
C GLU B 137 21.39 20.14 -10.52
N ALA B 138 20.74 20.64 -9.45
CA ALA B 138 21.46 21.19 -8.28
C ALA B 138 22.38 20.11 -7.72
N VAL B 139 21.89 18.86 -7.60
CA VAL B 139 22.66 17.74 -7.07
C VAL B 139 23.72 17.26 -8.08
N THR B 140 23.42 17.24 -9.40
CA THR B 140 24.41 16.93 -10.44
C THR B 140 25.59 17.88 -10.27
N ASN B 141 25.30 19.17 -10.02
CA ASN B 141 26.36 20.17 -9.84
C ASN B 141 27.19 19.91 -8.59
N VAL B 142 26.54 19.50 -7.49
CA VAL B 142 27.24 19.17 -6.24
C VAL B 142 28.22 18.03 -6.56
N VAL B 143 27.72 16.96 -7.17
CA VAL B 143 28.52 15.78 -7.46
C VAL B 143 29.71 16.07 -8.41
N LYS B 144 29.46 16.83 -9.50
CA LYS B 144 30.45 17.11 -10.53
C LYS B 144 31.50 18.11 -10.13
N HIS B 145 31.13 19.11 -9.32
CA HIS B 145 32.02 20.25 -9.07
C HIS B 145 32.46 20.56 -7.64
N SER B 146 31.61 20.32 -6.65
CA SER B 146 31.83 20.86 -5.30
C SER B 146 33.01 20.32 -4.50
N GLN B 147 33.27 19.00 -4.60
CA GLN B 147 34.20 18.25 -3.75
C GLN B 147 33.67 18.26 -2.28
N ALA B 148 32.34 18.40 -2.13
CA ALA B 148 31.65 18.39 -0.84
C ALA B 148 31.74 17.02 -0.17
N LYS B 149 31.58 17.01 1.16
CA LYS B 149 31.54 15.78 1.95
C LYS B 149 30.13 15.55 2.47
N ARG B 152 23.15 19.19 2.06
CA ARG B 152 21.87 19.26 2.77
C ARG B 152 20.73 19.78 1.88
N VAL B 153 19.58 19.06 1.87
CA VAL B 153 18.42 19.42 1.05
C VAL B 153 17.21 19.68 1.95
N ASP B 154 16.56 20.85 1.74
CA ASP B 154 15.35 21.25 2.46
C ASP B 154 14.30 21.48 1.38
N ILE B 155 13.09 20.96 1.62
CA ILE B 155 11.96 21.14 0.72
C ILE B 155 10.80 21.55 1.61
N GLN B 156 10.44 22.85 1.58
CA GLN B 156 9.42 23.40 2.46
C GLN B 156 8.39 24.26 1.78
N GLN B 157 7.15 24.20 2.30
CA GLN B 157 6.01 24.97 1.82
C GLN B 157 5.90 26.18 2.71
N LEU B 158 6.39 27.32 2.21
CA LEU B 158 6.43 28.57 2.95
C LEU B 158 5.52 29.59 2.28
N TRP B 159 4.47 30.04 2.99
CA TRP B 159 3.46 30.97 2.49
C TRP B 159 2.85 30.35 1.22
N LYS B 160 2.92 31.01 0.05
CA LYS B 160 2.38 30.40 -1.18
C LYS B 160 3.46 29.93 -2.15
N GLU B 161 4.60 29.50 -1.62
CA GLU B 161 5.70 28.99 -2.43
C GLU B 161 6.15 27.67 -1.92
N VAL B 162 6.77 26.92 -2.80
CA VAL B 162 7.54 25.77 -2.40
C VAL B 162 8.97 26.28 -2.55
N VAL B 163 9.75 26.15 -1.48
CA VAL B 163 11.15 26.55 -1.48
C VAL B 163 12.05 25.32 -1.33
N ILE B 164 13.00 25.16 -2.25
CA ILE B 164 13.97 24.09 -2.15
C ILE B 164 15.32 24.71 -1.95
N THR B 165 16.06 24.24 -0.95
CA THR B 165 17.43 24.68 -0.77
C THR B 165 18.34 23.47 -0.89
N VAL B 166 19.43 23.62 -1.64
CA VAL B 166 20.44 22.60 -1.83
C VAL B 166 21.73 23.28 -1.45
N SER B 167 22.32 22.84 -0.36
CA SER B 167 23.57 23.40 0.12
C SER B 167 24.60 22.30 0.21
N ASP B 168 25.85 22.69 0.00
CA ASP B 168 26.95 21.77 0.10
C ASP B 168 28.12 22.47 0.78
N ASP B 169 29.01 21.68 1.38
CA ASP B 169 30.18 22.15 2.11
C ASP B 169 31.49 22.05 1.33
N GLY B 170 31.39 22.05 -0.01
CA GLY B 170 32.55 22.05 -0.88
C GLY B 170 33.01 23.46 -1.18
N THR B 171 33.59 23.67 -2.37
CA THR B 171 34.02 25.00 -2.78
C THR B 171 33.48 25.33 -4.16
N PHE B 172 32.99 26.57 -4.31
CA PHE B 172 32.44 27.04 -5.58
C PHE B 172 33.55 27.19 -6.63
N LYS B 173 33.31 26.64 -7.83
CA LYS B 173 34.31 26.59 -8.89
C LYS B 173 34.08 27.54 -10.06
N GLY B 174 32.94 28.22 -10.06
CA GLY B 174 32.52 29.12 -11.13
C GLY B 174 33.35 30.37 -11.27
N GLU B 175 33.59 30.76 -12.52
CA GLU B 175 34.39 31.92 -12.92
C GLU B 175 33.62 33.21 -12.68
N GLU B 176 34.26 34.37 -12.95
CA GLU B 176 33.66 35.69 -12.81
C GLU B 176 32.27 35.74 -13.46
N ASN B 177 32.14 35.15 -14.66
CA ASN B 177 30.86 35.07 -15.38
C ASN B 177 30.04 33.84 -14.92
N SER B 178 28.71 33.97 -14.99
CA SER B 178 27.78 32.91 -14.61
C SER B 178 27.31 32.16 -15.87
N PHE B 179 28.30 31.57 -16.58
CA PHE B 179 28.33 30.84 -17.85
C PHE B 179 27.38 31.41 -18.90
N SER B 180 26.29 30.71 -19.27
CA SER B 180 25.32 31.11 -20.31
C SER B 180 24.49 29.93 -20.78
N LYS B 181 24.18 29.93 -22.10
CA LYS B 181 23.48 28.89 -22.83
C LYS B 181 24.24 27.57 -22.64
N GLY B 182 23.48 26.49 -22.55
CA GLY B 182 24.00 25.14 -22.39
C GLY B 182 24.40 24.78 -20.99
N HIS B 183 24.03 25.63 -20.02
CA HIS B 183 24.37 25.41 -18.63
C HIS B 183 23.18 25.49 -17.71
N GLY B 184 23.26 24.66 -16.69
CA GLY B 184 22.24 24.42 -15.69
C GLY B 184 21.84 25.58 -14.82
N LEU B 185 22.80 26.41 -14.38
CA LEU B 185 22.44 27.53 -13.52
C LEU B 185 21.50 28.53 -14.21
N LEU B 186 21.85 28.93 -15.44
CA LEU B 186 21.01 29.80 -16.22
C LEU B 186 19.73 29.07 -16.62
N GLY B 187 19.87 27.79 -16.97
CA GLY B 187 18.74 26.92 -17.31
C GLY B 187 17.68 26.91 -16.24
N MET B 188 18.10 26.62 -15.01
CA MET B 188 17.22 26.58 -13.86
C MET B 188 16.59 27.93 -13.61
N ARG B 189 17.39 29.01 -13.62
CA ARG B 189 16.86 30.35 -13.35
C ARG B 189 15.80 30.72 -14.37
N GLU B 190 16.09 30.51 -15.66
CA GLU B 190 15.14 30.84 -16.72
C GLU B 190 13.86 30.08 -16.58
N ARG B 191 13.97 28.75 -16.35
CA ARG B 191 12.77 27.92 -16.22
C ARG B 191 11.94 28.32 -15.02
N LEU B 192 12.60 28.56 -13.86
CA LEU B 192 11.92 29.00 -12.63
C LEU B 192 11.26 30.34 -12.78
N GLU B 193 11.96 31.31 -13.37
CA GLU B 193 11.44 32.66 -13.56
C GLU B 193 10.25 32.68 -14.48
N PHE B 194 10.23 31.79 -15.49
CA PHE B 194 9.11 31.70 -16.39
C PHE B 194 7.86 31.22 -15.64
N ALA B 195 8.08 30.40 -14.62
CA ALA B 195 7.02 29.89 -13.74
C ALA B 195 6.72 30.88 -12.58
N ASN B 196 7.21 32.15 -12.67
CA ASN B 196 7.07 33.20 -11.66
C ASN B 196 7.74 32.83 -10.35
N GLY B 197 8.78 31.99 -10.48
CA GLY B 197 9.64 31.58 -9.39
C GLY B 197 10.95 32.33 -9.45
N SER B 198 11.93 31.85 -8.70
CA SER B 198 13.22 32.48 -8.53
C SER B 198 14.31 31.47 -8.21
N LEU B 199 15.55 31.86 -8.49
CA LEU B 199 16.74 31.10 -8.16
C LEU B 199 17.74 32.09 -7.62
N HIS B 200 18.23 31.82 -6.40
CA HIS B 200 19.30 32.58 -5.76
C HIS B 200 20.43 31.61 -5.40
N ILE B 201 21.64 32.13 -5.45
CA ILE B 201 22.83 31.35 -5.14
C ILE B 201 23.71 32.04 -4.10
N THR B 203 27.52 31.35 -2.54
CA THR B 203 28.79 30.66 -2.76
C THR B 203 29.78 30.97 -1.68
N GLU B 204 29.28 31.46 -0.53
CA GLU B 204 30.14 31.81 0.58
C GLU B 204 30.71 30.56 1.25
N ASN B 205 29.92 29.86 2.07
CA ASN B 205 30.42 28.67 2.78
C ASN B 205 30.11 27.36 2.03
N LEU B 209 22.00 26.89 -3.17
CA LEU B 209 20.97 27.27 -4.14
C LEU B 209 19.63 27.31 -3.45
N THR B 210 18.91 28.42 -3.63
CA THR B 210 17.55 28.56 -3.10
C THR B 210 16.64 28.73 -4.30
N MET B 211 15.74 27.80 -4.49
CA MET B 211 14.85 27.85 -5.62
C MET B 211 13.45 27.89 -5.08
N ALA B 212 12.62 28.79 -5.60
CA ALA B 212 11.23 28.92 -5.15
C ALA B 212 10.33 28.93 -6.36
N ILE B 213 9.13 28.38 -6.18
CA ILE B 213 8.13 28.35 -7.22
C ILE B 213 6.78 28.54 -6.55
N PRO B 214 5.85 29.28 -7.19
CA PRO B 214 4.51 29.44 -6.60
C PRO B 214 3.77 28.09 -6.43
N ASN B 215 2.90 27.98 -5.43
CA ASN B 215 2.21 26.67 -5.24
C ASN B 215 1.33 26.26 -6.48
N ASN B 216 0.13 26.90 -6.66
CA ASN B 216 -0.81 26.60 -7.76
C ASN B 216 -0.50 27.27 -9.12
N SER B 217 0.33 28.34 -9.20
CA SER B 217 0.70 28.98 -10.48
C SER B 217 2.05 29.71 -10.47
PG ACP C . 0.92 -6.58 25.08
O1G ACP C . 1.50 -7.76 24.28
O2G ACP C . 1.23 -5.24 24.47
O3G ACP C . -0.60 -6.82 25.26
PB ACP C . 0.52 -7.29 28.00
O1B ACP C . 0.06 -8.70 27.51
O2B ACP C . 1.11 -7.38 29.39
C3B ACP C . 1.63 -6.68 26.72
PA ACP C . -2.35 -6.73 28.04
O1A ACP C . -2.65 -7.78 27.04
O2A ACP C . -3.19 -5.48 27.75
O3A ACP C . -0.80 -6.37 27.96
O5' ACP C . -2.73 -7.19 29.54
C5' ACP C . -2.61 -6.28 30.66
C4' ACP C . -2.30 -7.03 31.93
O4' ACP C . -3.43 -7.84 32.32
C3' ACP C . -1.13 -8.01 31.84
O3' ACP C . 0.12 -7.36 32.04
C2' ACP C . -1.45 -9.02 32.94
O2' ACP C . -0.97 -8.57 34.20
C1' ACP C . -2.99 -9.06 32.90
N9 ACP C . -3.56 -10.17 32.15
C8 ACP C . -4.09 -10.14 30.88
N7 ACP C . -4.58 -11.28 30.48
C5 ACP C . -4.36 -12.14 31.56
C6 ACP C . -4.69 -13.49 31.77
N6 ACP C . -5.29 -14.27 30.87
N1 ACP C . -4.36 -14.04 32.96
C2 ACP C . -3.74 -13.27 33.87
N3 ACP C . -3.38 -11.98 33.78
C4 ACP C . -3.73 -11.47 32.60
MG MG D . -1.23 -8.93 25.99
PG ACP E . 25.91 21.63 -17.62
O1G ACP E . 25.65 20.14 -17.33
O2G ACP E . 25.49 22.03 -18.99
O3G ACP E . 25.21 22.45 -16.50
PB ACP E . 28.13 22.73 -15.85
O1B ACP E . 27.55 21.84 -14.70
O2B ACP E . 29.61 22.96 -15.62
C3B ACP E . 27.67 21.89 -17.36
PA ACP E . 26.52 24.84 -14.61
O1A ACP E . 25.58 23.87 -14.00
O2A ACP E . 25.74 26.02 -15.15
O3A ACP E . 27.31 24.11 -15.79
O5' ACP E . 27.56 25.43 -13.52
C5' ACP E . 28.49 26.47 -13.89
C4' ACP E . 29.76 26.36 -13.07
O4' ACP E . 29.48 26.68 -11.69
C3' ACP E . 30.40 24.97 -13.03
O3' ACP E . 31.23 24.77 -14.16
C2' ACP E . 31.17 25.01 -11.70
O2' ACP E . 32.45 25.60 -11.88
C1' ACP E . 30.27 25.87 -10.82
N9 ACP E . 29.39 25.14 -9.92
C8 ACP E . 28.05 24.90 -10.08
N7 ACP E . 27.48 24.26 -9.09
C5 ACP E . 28.53 24.06 -8.19
C6 ACP E . 28.59 23.46 -6.92
N6 ACP E . 27.54 22.89 -6.31
N1 ACP E . 29.78 23.45 -6.28
C2 ACP E . 30.84 24.00 -6.89
N3 ACP E . 30.91 24.59 -8.09
C4 ACP E . 29.71 24.60 -8.70
MG MG F . 25.56 21.81 -14.32
C1 GOL G . -8.27 0.32 -7.82
O1 GOL G . -9.37 -0.50 -8.19
C2 GOL G . -7.27 -0.41 -6.94
O2 GOL G . -7.01 -1.71 -7.48
C3 GOL G . -5.99 0.39 -6.87
O3 GOL G . -5.06 -0.17 -5.95
#